data_2W4Q
#
_entry.id   2W4Q
#
_cell.length_a   69.374
_cell.length_b   84.110
_cell.length_c   72.888
_cell.angle_alpha   90.00
_cell.angle_beta   109.05
_cell.angle_gamma   90.00
#
_symmetry.space_group_name_H-M   'C 1 2 1'
#
loop_
_entity.id
_entity.type
_entity.pdbx_description
1 polymer 'PROSTAGLANDIN REDUCTASE 2'
2 non-polymer 'NADP NICOTINAMIDE-ADENINE-DINUCLEOTIDE PHOSPHATE'
3 non-polymer '(3BETA,5BETA,14BETA)-3-HYDROXY-11-OXOOLEAN-12-EN-29-OIC ACID'
4 non-polymer 'SULFATE ION'
5 water water
#
_entity_poly.entity_id   1
_entity_poly.type   'polypeptide(L)'
_entity_poly.pdbx_seq_one_letter_code
;MMIVQRVVLNSRPGKNGNPVAENFRMEEVYLPDNINEGQVQVRTLYLSVDPYMRCRMNEDTGTDYITPWQLSQVVDGGGI
GIIEESKHTNLTKGDFVTSFYWPWQTKVILDGNSLEKVDPQLVDGHLSYFLGAIGMPGLTSLIGIQEKGHITAGSNKTMV
VSGAAGACGSVAGQIGHFLGCSRVVGICGTHEKCILLTSELGFDAAINYKKDNVAEQLRESCPAGVDVYFDNVGGNISDT
VISQMNENSHIILCGQISQYNKDVPYPPPLSPAIEAIQKERNITRERFLVLNYKDKFEPGILQLSQWFKEGKLKIKETVI
NGLENMGAAFQSMMTGGNIGKQIVCISEEIAENLYFQ
;
_entity_poly.pdbx_strand_id   A
#
loop_
_chem_comp.id
_chem_comp.type
_chem_comp.name
_chem_comp.formula
CBW non-polymer '(3BETA,5BETA,14BETA)-3-HYDROXY-11-OXOOLEAN-12-EN-29-OIC ACID' 'C30 H46 O4'
NAP non-polymer 'NADP NICOTINAMIDE-ADENINE-DINUCLEOTIDE PHOSPHATE' 'C21 H28 N7 O17 P3'
SO4 non-polymer 'SULFATE ION' 'O4 S -2'
#
# COMPACT_ATOMS: atom_id res chain seq x y z
N MET A 1 -15.53 27.45 20.11
CA MET A 1 -14.84 26.32 19.42
C MET A 1 -15.61 25.03 19.57
N MET A 2 -15.74 24.30 18.47
CA MET A 2 -16.32 22.97 18.48
C MET A 2 -15.24 21.94 18.84
N ILE A 3 -15.68 20.81 19.36
CA ILE A 3 -14.83 19.72 19.80
C ILE A 3 -14.77 18.66 18.70
N VAL A 4 -13.57 18.20 18.35
CA VAL A 4 -13.40 17.13 17.36
C VAL A 4 -12.59 16.03 17.99
N GLN A 5 -12.43 14.91 17.28
CA GLN A 5 -11.62 13.80 17.79
C GLN A 5 -10.32 13.68 17.03
N ARG A 6 -9.28 13.22 17.71
CA ARG A 6 -7.99 12.98 17.05
C ARG A 6 -7.28 11.78 17.67
N VAL A 7 -6.26 11.28 16.94
CA VAL A 7 -5.49 10.15 17.40
C VAL A 7 -4.02 10.56 17.56
N VAL A 8 -3.48 10.25 18.74
CA VAL A 8 -2.09 10.54 19.08
C VAL A 8 -1.36 9.25 19.34
N LEU A 9 -0.04 9.28 19.23
CA LEU A 9 0.79 8.12 19.57
C LEU A 9 0.84 8.02 21.09
N ASN A 10 0.31 6.92 21.61
CA ASN A 10 0.17 6.72 23.04
C ASN A 10 1.45 6.09 23.62
N SER A 11 2.01 5.13 22.90
CA SER A 11 3.19 4.40 23.36
C SER A 11 3.84 3.72 22.17
N ARG A 12 5.07 3.24 22.35
CA ARG A 12 5.79 2.54 21.30
C ARG A 12 5.85 1.06 21.65
N PRO A 13 5.74 0.18 20.64
CA PRO A 13 5.85 -1.24 20.91
C PRO A 13 7.31 -1.72 21.07
N GLY A 14 8.29 -0.86 20.79
CA GLY A 14 9.68 -1.31 20.69
C GLY A 14 9.99 -1.83 19.30
N LYS A 15 11.22 -1.57 18.84
CA LYS A 15 11.67 -1.93 17.49
C LYS A 15 11.58 -3.43 17.17
N ASN A 16 11.59 -4.27 18.21
CA ASN A 16 11.37 -5.70 18.06
C ASN A 16 9.96 -6.16 18.48
N GLY A 17 9.11 -5.21 18.83
CA GLY A 17 7.76 -5.51 19.29
C GLY A 17 6.69 -5.57 18.21
N ASN A 18 5.53 -6.09 18.61
CA ASN A 18 4.35 -6.15 17.75
C ASN A 18 3.50 -4.91 18.00
N PRO A 19 3.00 -4.30 16.95
CA PRO A 19 2.10 -3.19 17.16
C PRO A 19 0.74 -3.66 17.68
N VAL A 20 0.11 -2.85 18.53
CA VAL A 20 -1.22 -3.15 19.06
C VAL A 20 -2.09 -1.88 19.01
N ALA A 21 -3.41 -2.07 19.04
CA ALA A 21 -4.34 -0.93 19.02
C ALA A 21 -3.96 0.16 20.04
N GLU A 22 -3.43 -0.27 21.19
CA GLU A 22 -3.23 0.63 22.33
C GLU A 22 -1.94 1.46 22.25
N ASN A 23 -1.13 1.24 21.22
CA ASN A 23 -0.04 2.19 20.94
C ASN A 23 -0.60 3.53 20.46
N PHE A 24 -1.90 3.57 20.18
CA PHE A 24 -2.59 4.78 19.77
C PHE A 24 -3.67 5.13 20.76
N ARG A 25 -3.99 6.40 20.85
CA ARG A 25 -4.97 6.89 21.80
C ARG A 25 -5.81 7.99 21.16
N MET A 26 -7.12 7.92 21.40
CA MET A 26 -8.07 8.93 20.93
C MET A 26 -8.19 10.06 21.94
N GLU A 27 -8.32 11.30 21.47
CA GLU A 27 -8.54 12.44 22.35
C GLU A 27 -9.62 13.31 21.74
N GLU A 28 -10.27 14.07 22.60
CA GLU A 28 -11.15 15.13 22.14
C GLU A 28 -10.44 16.45 22.29
N VAL A 29 -10.50 17.28 21.24
CA VAL A 29 -9.77 18.54 21.21
C VAL A 29 -10.64 19.62 20.61
N TYR A 30 -10.35 20.86 20.95
CA TYR A 30 -11.03 21.99 20.32
C TYR A 30 -10.49 22.23 18.92
N LEU A 31 -11.38 22.59 18.01
CA LEU A 31 -11.00 23.05 16.70
C LEU A 31 -11.16 24.56 16.72
N PRO A 32 -10.10 25.29 16.37
CA PRO A 32 -10.15 26.74 16.25
C PRO A 32 -11.26 27.23 15.30
N ASP A 33 -11.97 28.29 15.72
CA ASP A 33 -13.10 28.86 14.96
C ASP A 33 -12.65 29.74 13.80
N ASN A 34 -11.38 30.12 13.77
CA ASN A 34 -10.87 30.99 12.71
C ASN A 34 -9.64 30.39 12.03
N ILE A 35 -9.57 30.56 10.71
CA ILE A 35 -8.40 30.18 9.91
C ILE A 35 -7.72 31.42 9.32
N ASN A 36 -6.43 31.29 9.02
CA ASN A 36 -5.63 32.36 8.44
C ASN A 36 -5.60 32.27 6.93
N GLU A 37 -5.22 33.38 6.30
CA GLU A 37 -4.90 33.40 4.88
C GLU A 37 -4.00 32.23 4.54
N GLY A 38 -4.25 31.60 3.40
CA GLY A 38 -3.48 30.42 2.98
C GLY A 38 -3.96 29.10 3.57
N GLN A 39 -4.84 29.16 4.57
CA GLN A 39 -5.32 27.94 5.23
C GLN A 39 -6.71 27.53 4.74
N VAL A 40 -7.04 26.27 5.03
CA VAL A 40 -8.35 25.71 4.72
C VAL A 40 -8.83 24.94 5.96
N GLN A 41 -10.15 24.79 6.10
CA GLN A 41 -10.69 23.88 7.09
C GLN A 41 -11.32 22.71 6.33
N VAL A 42 -10.87 21.50 6.62
CA VAL A 42 -11.28 20.32 5.85
C VAL A 42 -12.01 19.36 6.77
N ARG A 43 -12.97 18.64 6.21
CA ARG A 43 -13.61 17.53 6.91
C ARG A 43 -12.99 16.26 6.34
N THR A 44 -12.47 15.44 7.23
CA THR A 44 -11.81 14.19 6.85
C THR A 44 -12.83 13.14 6.47
N LEU A 45 -12.64 12.51 5.30
CA LEU A 45 -13.59 11.50 4.81
C LEU A 45 -13.04 10.07 4.97
N TYR A 46 -11.80 9.86 4.52
CA TYR A 46 -11.13 8.56 4.61
C TYR A 46 -9.68 8.75 5.02
N LEU A 47 -9.18 7.81 5.80
CA LEU A 47 -7.75 7.73 6.11
C LEU A 47 -7.20 6.36 5.78
N SER A 48 -5.93 6.36 5.34
CA SER A 48 -5.23 5.12 5.03
C SER A 48 -4.48 4.63 6.28
N VAL A 49 -4.41 3.32 6.43
CA VAL A 49 -3.34 2.73 7.21
C VAL A 49 -2.50 1.90 6.26
N ASP A 50 -1.17 1.93 6.48
CA ASP A 50 -0.21 1.28 5.58
C ASP A 50 0.98 0.68 6.38
N PRO A 51 1.58 -0.39 5.85
CA PRO A 51 2.66 -1.03 6.59
C PRO A 51 3.82 -0.12 6.99
N TYR A 52 4.23 0.82 6.14
CA TYR A 52 5.36 1.67 6.45
C TYR A 52 5.18 2.42 7.77
N MET A 53 3.92 2.62 8.19
CA MET A 53 3.63 3.25 9.47
C MET A 53 4.24 2.57 10.68
N ARG A 54 4.49 1.26 10.59
CA ARG A 54 5.16 0.53 11.64
C ARG A 54 6.48 1.22 12.02
N CYS A 55 7.22 1.63 11.01
CA CYS A 55 8.51 2.35 11.20
C CYS A 55 8.36 3.65 11.96
N ARG A 56 7.26 4.38 11.71
CA ARG A 56 7.07 5.68 12.35
C ARG A 56 6.68 5.52 13.81
N MET A 57 6.37 4.29 14.20
CA MET A 57 6.12 3.98 15.60
C MET A 57 7.41 3.85 16.42
N ASN A 58 8.53 3.62 15.74
CA ASN A 58 9.81 3.48 16.41
C ASN A 58 10.50 4.81 16.59
N GLU A 59 11.46 4.87 17.52
CA GLU A 59 12.24 6.07 17.78
C GLU A 59 13.08 6.46 16.58
N ASP A 60 13.60 5.45 15.89
CA ASP A 60 14.33 5.62 14.65
C ASP A 60 13.56 4.87 13.56
N THR A 61 13.11 5.58 12.53
CA THR A 61 12.43 4.89 11.43
C THR A 61 13.37 4.02 10.58
N GLY A 62 14.68 4.25 10.69
CA GLY A 62 15.65 3.54 9.87
C GLY A 62 15.81 4.13 8.47
N THR A 63 15.10 5.22 8.19
CA THR A 63 15.20 5.87 6.88
C THR A 63 14.74 7.32 6.91
N ASP A 64 15.44 8.15 6.13
CA ASP A 64 15.19 9.59 6.05
C ASP A 64 13.90 9.93 5.31
N TYR A 65 13.31 8.95 4.64
CA TYR A 65 12.08 9.19 3.90
C TYR A 65 10.86 9.41 4.79
N ILE A 66 10.91 8.91 6.01
CA ILE A 66 9.82 9.08 6.94
C ILE A 66 10.42 9.27 8.32
N THR A 67 9.76 10.10 9.11
CA THR A 67 10.26 10.50 10.41
C THR A 67 9.42 9.85 11.51
N PRO A 68 9.97 9.71 12.72
CA PRO A 68 9.22 9.03 13.75
C PRO A 68 8.07 9.87 14.27
N TRP A 69 6.94 9.23 14.60
CA TRP A 69 5.86 9.94 15.31
C TRP A 69 6.35 10.17 16.72
N GLN A 70 5.82 11.23 17.35
CA GLN A 70 6.24 11.57 18.71
C GLN A 70 5.13 11.25 19.67
N LEU A 71 5.50 10.77 20.87
CA LEU A 71 4.52 10.42 21.89
C LEU A 71 3.57 11.62 22.17
N SER A 72 2.28 11.34 22.23
CA SER A 72 1.25 12.32 22.52
C SER A 72 1.00 13.41 21.45
N GLN A 73 1.65 13.31 20.30
CA GLN A 73 1.40 14.21 19.16
C GLN A 73 0.48 13.51 18.15
N VAL A 74 -0.34 14.28 17.42
CA VAL A 74 -1.27 13.74 16.44
C VAL A 74 -0.50 12.97 15.37
N VAL A 75 -1.04 11.84 15.00
CA VAL A 75 -0.41 11.05 13.95
C VAL A 75 -1.04 11.45 12.62
N ASP A 76 -0.41 11.02 11.55
CA ASP A 76 -0.78 11.41 10.21
C ASP A 76 -0.44 10.36 9.15
N GLY A 77 -1.02 10.51 7.98
CA GLY A 77 -0.77 9.61 6.88
C GLY A 77 -1.70 10.01 5.75
N GLY A 78 -1.74 9.19 4.72
CA GLY A 78 -2.58 9.44 3.56
C GLY A 78 -4.03 9.65 3.97
N GLY A 79 -4.65 10.66 3.38
CA GLY A 79 -6.03 10.98 3.64
C GLY A 79 -6.69 11.73 2.50
N ILE A 80 -8.02 11.71 2.55
CA ILE A 80 -8.84 12.43 1.60
C ILE A 80 -9.98 13.10 2.35
N GLY A 81 -10.33 14.31 1.92
CA GLY A 81 -11.40 15.05 2.57
C GLY A 81 -12.03 16.07 1.66
N ILE A 82 -12.93 16.86 2.24
CA ILE A 82 -13.64 17.90 1.53
C ILE A 82 -13.41 19.24 2.26
N ILE A 83 -13.18 20.30 1.48
CA ILE A 83 -13.00 21.67 2.01
C ILE A 83 -14.32 22.22 2.55
N GLU A 84 -14.33 22.65 3.80
CA GLU A 84 -15.49 23.26 4.43
C GLU A 84 -15.42 24.80 4.39
N GLU A 85 -14.20 25.34 4.40
CA GLU A 85 -13.95 26.75 4.30
C GLU A 85 -12.54 26.95 3.79
N SER A 86 -12.35 27.98 2.97
CA SER A 86 -11.05 28.24 2.36
C SER A 86 -10.70 29.71 2.42
N LYS A 87 -9.46 29.98 2.84
CA LYS A 87 -8.85 31.29 2.65
C LYS A 87 -7.61 31.13 1.76
N HIS A 88 -7.59 30.04 0.98
CA HIS A 88 -6.56 29.80 -0.02
C HIS A 88 -7.14 30.08 -1.40
N THR A 89 -6.37 30.72 -2.26
CA THR A 89 -6.92 31.22 -3.53
C THR A 89 -7.36 30.13 -4.49
N ASN A 90 -6.67 28.99 -4.48
CA ASN A 90 -6.94 27.87 -5.41
C ASN A 90 -7.81 26.75 -4.84
N LEU A 91 -8.36 26.94 -3.65
CA LEU A 91 -9.25 25.95 -3.06
C LEU A 91 -10.56 26.62 -2.66
N THR A 92 -11.64 25.88 -2.80
CA THR A 92 -12.96 26.40 -2.56
C THR A 92 -13.83 25.37 -1.87
N LYS A 93 -14.73 25.86 -1.03
CA LYS A 93 -15.67 25.03 -0.32
C LYS A 93 -16.17 23.95 -1.27
N GLY A 94 -16.07 22.70 -0.85
CA GLY A 94 -16.63 21.58 -1.62
C GLY A 94 -15.63 20.78 -2.46
N ASP A 95 -14.41 21.32 -2.62
CA ASP A 95 -13.33 20.61 -3.29
C ASP A 95 -12.95 19.38 -2.52
N PHE A 96 -12.68 18.30 -3.24
CA PHE A 96 -12.08 17.10 -2.66
C PHE A 96 -10.57 17.21 -2.75
N VAL A 97 -9.89 16.93 -1.64
CA VAL A 97 -8.45 17.12 -1.54
C VAL A 97 -7.78 15.92 -0.87
N THR A 98 -6.52 15.71 -1.19
CA THR A 98 -5.72 14.68 -0.52
C THR A 98 -4.43 15.28 0.00
N SER A 99 -3.87 14.63 1.01
CA SER A 99 -2.55 14.90 1.53
C SER A 99 -1.87 13.58 1.92
N PHE A 100 -0.57 13.53 1.75
CA PHE A 100 0.25 12.43 2.31
C PHE A 100 0.36 12.48 3.84
N TYR A 101 0.15 13.65 4.45
CA TYR A 101 0.35 13.85 5.87
C TYR A 101 -0.90 14.45 6.53
N TRP A 102 -2.02 13.78 6.29
CA TRP A 102 -3.30 14.20 6.84
C TRP A 102 -3.34 13.84 8.31
N PRO A 103 -3.53 14.83 9.20
CA PRO A 103 -3.60 14.44 10.61
C PRO A 103 -4.82 13.57 10.90
N TRP A 104 -4.64 12.56 11.74
CA TRP A 104 -5.73 11.67 12.11
C TRP A 104 -6.68 12.36 13.09
N GLN A 105 -7.61 13.12 12.51
CA GLN A 105 -8.49 14.01 13.23
C GLN A 105 -9.70 14.25 12.31
N THR A 106 -10.88 14.38 12.90
CA THR A 106 -12.11 14.41 12.10
C THR A 106 -12.25 15.68 11.24
N LYS A 107 -11.89 16.81 11.81
CA LYS A 107 -11.84 18.08 11.08
C LYS A 107 -10.53 18.78 11.42
N VAL A 108 -9.85 19.27 10.39
CA VAL A 108 -8.51 19.80 10.53
C VAL A 108 -8.38 21.14 9.80
N ILE A 109 -7.53 22.00 10.35
CA ILE A 109 -7.15 23.27 9.70
C ILE A 109 -5.76 22.97 9.15
N LEU A 110 -5.59 23.16 7.86
CA LEU A 110 -4.37 22.78 7.21
C LEU A 110 -3.95 23.90 6.29
N ASP A 111 -2.66 23.91 6.01
CA ASP A 111 -2.08 24.82 5.04
C ASP A 111 -2.56 24.36 3.66
N GLY A 112 -3.28 25.24 2.96
CA GLY A 112 -3.80 24.96 1.62
C GLY A 112 -2.74 24.43 0.65
N ASN A 113 -1.49 24.85 0.85
CA ASN A 113 -0.39 24.44 -0.01
C ASN A 113 0.00 22.97 0.15
N SER A 114 -0.32 22.38 1.30
CA SER A 114 -0.01 20.96 1.54
C SER A 114 -1.01 20.00 0.87
N LEU A 115 -2.07 20.53 0.26
CA LEU A 115 -3.14 19.67 -0.29
C LEU A 115 -3.11 19.62 -1.80
N GLU A 116 -3.62 18.54 -2.38
CA GLU A 116 -3.84 18.44 -3.82
C GLU A 116 -5.31 18.21 -4.08
N LYS A 117 -5.89 18.98 -4.98
CA LYS A 117 -7.27 18.77 -5.39
C LYS A 117 -7.31 17.54 -6.28
N VAL A 118 -8.36 16.72 -6.12
CA VAL A 118 -8.54 15.51 -6.92
C VAL A 118 -9.90 15.56 -7.62
N ASP A 119 -9.95 14.88 -8.76
CA ASP A 119 -11.15 14.81 -9.57
C ASP A 119 -11.88 13.48 -9.31
N PRO A 120 -13.05 13.55 -8.64
CA PRO A 120 -13.78 12.32 -8.33
C PRO A 120 -14.19 11.48 -9.53
N GLN A 121 -14.25 12.07 -10.73
CA GLN A 121 -14.48 11.30 -11.96
C GLN A 121 -13.41 10.23 -12.21
N LEU A 122 -12.17 10.47 -11.78
CA LEU A 122 -11.13 9.43 -11.95
C LEU A 122 -11.50 8.11 -11.26
N VAL A 123 -12.29 8.19 -10.19
CA VAL A 123 -12.67 7.04 -9.39
C VAL A 123 -14.16 6.73 -9.38
N ASP A 124 -14.89 7.22 -10.37
CA ASP A 124 -16.34 7.09 -10.42
C ASP A 124 -17.00 7.46 -9.09
N GLY A 125 -16.50 8.52 -8.46
CA GLY A 125 -16.98 8.94 -7.15
C GLY A 125 -16.61 8.12 -5.94
N HIS A 126 -15.88 7.00 -6.10
CA HIS A 126 -15.43 6.16 -4.98
CA HIS A 126 -15.45 6.17 -4.99
C HIS A 126 -14.14 6.73 -4.41
N LEU A 127 -14.25 7.81 -3.63
CA LEU A 127 -13.08 8.57 -3.15
C LEU A 127 -11.98 7.77 -2.44
N SER A 128 -12.35 6.67 -1.78
CA SER A 128 -11.37 5.88 -1.04
C SER A 128 -10.37 5.20 -1.98
N TYR A 129 -10.71 5.04 -3.26
CA TYR A 129 -9.77 4.45 -4.21
C TYR A 129 -8.56 5.32 -4.45
N PHE A 130 -8.64 6.60 -4.09
CA PHE A 130 -7.51 7.48 -4.23
C PHE A 130 -6.42 7.15 -3.23
N LEU A 131 -6.74 6.37 -2.20
CA LEU A 131 -5.74 5.97 -1.20
C LEU A 131 -5.18 4.58 -1.49
N GLY A 132 -5.62 3.97 -2.59
CA GLY A 132 -5.26 2.60 -2.90
C GLY A 132 -4.90 2.41 -4.37
N ALA A 133 -5.79 1.73 -5.09
CA ALA A 133 -5.54 1.32 -6.47
C ALA A 133 -5.37 2.48 -7.43
N ILE A 134 -6.11 3.57 -7.19
CA ILE A 134 -5.94 4.83 -7.95
C ILE A 134 -5.24 5.86 -7.03
N GLY A 135 -4.20 5.36 -6.38
CA GLY A 135 -3.37 6.10 -5.44
C GLY A 135 -1.97 5.50 -5.38
N MET A 136 -1.29 5.77 -4.28
CA MET A 136 0.10 5.39 -4.12
CA MET A 136 0.11 5.38 -4.09
C MET A 136 0.34 3.87 -4.24
N PRO A 137 -0.51 3.03 -3.59
CA PRO A 137 -0.22 1.56 -3.77
C PRO A 137 -0.34 1.11 -5.23
N GLY A 138 -1.38 1.58 -5.91
CA GLY A 138 -1.55 1.33 -7.35
C GLY A 138 -0.41 1.82 -8.21
N LEU A 139 0.05 3.04 -7.95
CA LEU A 139 1.20 3.55 -8.66
C LEU A 139 2.44 2.73 -8.40
N THR A 140 2.61 2.31 -7.15
CA THR A 140 3.74 1.46 -6.77
C THR A 140 3.73 0.19 -7.63
N SER A 141 2.58 -0.42 -7.77
CA SER A 141 2.50 -1.65 -8.54
C SER A 141 2.75 -1.42 -10.03
N LEU A 142 2.14 -0.38 -10.58
CA LEU A 142 2.21 -0.13 -12.01
C LEU A 142 3.63 0.33 -12.36
N ILE A 143 4.14 1.29 -11.60
CA ILE A 143 5.49 1.81 -11.85
C ILE A 143 6.55 0.75 -11.58
N GLY A 144 6.38 -0.01 -10.52
CA GLY A 144 7.32 -1.07 -10.20
C GLY A 144 7.43 -2.08 -11.32
N ILE A 145 6.29 -2.49 -11.85
CA ILE A 145 6.31 -3.45 -12.95
C ILE A 145 6.93 -2.83 -14.20
N GLN A 146 6.55 -1.58 -14.50
CA GLN A 146 7.10 -0.88 -15.66
C GLN A 146 8.61 -0.76 -15.57
N GLU A 147 9.09 -0.28 -14.42
CA GLU A 147 10.49 0.06 -14.23
C GLU A 147 11.40 -1.12 -13.93
N LYS A 148 10.90 -2.09 -13.17
CA LYS A 148 11.74 -3.17 -12.71
C LYS A 148 11.35 -4.55 -13.23
N GLY A 149 10.18 -4.68 -13.86
CA GLY A 149 9.67 -5.98 -14.27
C GLY A 149 10.16 -6.54 -15.60
N HIS A 150 10.53 -5.66 -16.52
CA HIS A 150 11.03 -6.07 -17.83
C HIS A 150 10.10 -7.07 -18.54
N ILE A 151 8.81 -6.76 -18.60
CA ILE A 151 7.85 -7.58 -19.32
C ILE A 151 7.86 -7.15 -20.78
N THR A 152 8.70 -7.80 -21.57
CA THR A 152 8.91 -7.42 -22.98
C THR A 152 7.63 -7.49 -23.79
N ALA A 153 7.49 -6.59 -24.77
CA ALA A 153 6.42 -6.69 -25.76
C ALA A 153 6.50 -8.08 -26.40
N GLY A 154 5.37 -8.78 -26.46
CA GLY A 154 5.27 -10.05 -27.17
C GLY A 154 5.76 -11.29 -26.43
N SER A 155 6.20 -11.12 -25.18
CA SER A 155 6.73 -12.24 -24.41
C SER A 155 5.59 -12.93 -23.67
N ASN A 156 5.88 -14.09 -23.08
CA ASN A 156 4.89 -14.94 -22.40
C ASN A 156 5.37 -15.37 -21.00
N LYS A 157 5.70 -14.38 -20.17
CA LYS A 157 6.39 -14.63 -18.90
C LYS A 157 5.44 -15.07 -17.79
N THR A 158 6.01 -15.70 -16.77
CA THR A 158 5.26 -16.06 -15.57
C THR A 158 5.60 -15.09 -14.44
N MET A 159 4.58 -14.53 -13.83
CA MET A 159 4.76 -13.65 -12.68
C MET A 159 4.22 -14.30 -11.41
N VAL A 160 4.98 -14.17 -10.34
CA VAL A 160 4.56 -14.54 -8.99
C VAL A 160 4.45 -13.24 -8.16
N VAL A 161 3.37 -13.12 -7.40
CA VAL A 161 3.16 -11.99 -6.52
C VAL A 161 3.03 -12.49 -5.08
N SER A 162 3.87 -12.00 -4.18
CA SER A 162 3.65 -12.19 -2.73
C SER A 162 2.81 -11.06 -2.17
N GLY A 163 2.25 -11.23 -0.97
CA GLY A 163 1.26 -10.24 -0.46
C GLY A 163 0.14 -10.02 -1.48
N ALA A 164 -0.25 -11.10 -2.17
CA ALA A 164 -1.01 -10.99 -3.41
C ALA A 164 -2.45 -10.47 -3.26
N ALA A 165 -3.02 -10.58 -2.06
CA ALA A 165 -4.40 -10.10 -1.81
C ALA A 165 -4.42 -8.79 -1.06
N GLY A 166 -3.25 -8.17 -0.87
CA GLY A 166 -3.17 -6.85 -0.26
C GLY A 166 -3.30 -5.73 -1.29
N ALA A 167 -3.04 -4.50 -0.86
CA ALA A 167 -3.20 -3.30 -1.70
C ALA A 167 -2.33 -3.36 -2.96
N CYS A 168 -1.01 -3.43 -2.77
CA CYS A 168 -0.09 -3.45 -3.90
C CYS A 168 -0.24 -4.74 -4.71
N GLY A 169 -0.28 -5.86 -4.01
CA GLY A 169 -0.22 -7.17 -4.66
C GLY A 169 -1.46 -7.43 -5.52
N SER A 170 -2.63 -7.08 -4.99
CA SER A 170 -3.87 -7.40 -5.72
C SER A 170 -3.92 -6.65 -7.05
N VAL A 171 -3.40 -5.43 -7.06
CA VAL A 171 -3.25 -4.65 -8.29
C VAL A 171 -2.12 -5.19 -9.17
N ALA A 172 -0.98 -5.55 -8.58
CA ALA A 172 0.20 -5.96 -9.35
C ALA A 172 -0.10 -7.16 -10.22
N GLY A 173 -0.79 -8.14 -9.65
CA GLY A 173 -1.11 -9.37 -10.36
C GLY A 173 -1.96 -9.11 -11.59
N GLN A 174 -2.93 -8.21 -11.47
CA GLN A 174 -3.81 -7.86 -12.58
C GLN A 174 -3.00 -7.14 -13.65
N ILE A 175 -2.11 -6.24 -13.21
CA ILE A 175 -1.26 -5.49 -14.14
C ILE A 175 -0.32 -6.43 -14.88
N GLY A 176 0.15 -7.45 -14.19
CA GLY A 176 0.98 -8.47 -14.82
C GLY A 176 0.30 -9.08 -16.03
N HIS A 177 -0.97 -9.46 -15.89
CA HIS A 177 -1.75 -9.90 -17.06
C HIS A 177 -1.98 -8.79 -18.09
N PHE A 178 -2.41 -7.61 -17.63
CA PHE A 178 -2.66 -6.51 -18.55
C PHE A 178 -1.46 -6.29 -19.45
N LEU A 179 -0.27 -6.39 -18.89
CA LEU A 179 0.95 -6.00 -19.60
C LEU A 179 1.65 -7.17 -20.27
N GLY A 180 1.00 -8.34 -20.32
CA GLY A 180 1.47 -9.43 -21.18
C GLY A 180 2.04 -10.70 -20.57
N CYS A 181 2.04 -10.84 -19.25
CA CYS A 181 2.38 -12.14 -18.66
C CYS A 181 1.30 -13.10 -19.06
N SER A 182 1.66 -14.34 -19.35
CA SER A 182 0.66 -15.36 -19.62
C SER A 182 0.25 -16.08 -18.36
N ARG A 183 1.08 -16.06 -17.32
CA ARG A 183 0.75 -16.70 -16.06
C ARG A 183 1.00 -15.75 -14.90
N VAL A 184 0.02 -15.62 -14.02
CA VAL A 184 0.17 -14.86 -12.80
C VAL A 184 -0.28 -15.77 -11.66
N VAL A 185 0.61 -15.95 -10.68
CA VAL A 185 0.32 -16.78 -9.51
C VAL A 185 0.53 -15.91 -8.25
N GLY A 186 -0.43 -15.93 -7.34
CA GLY A 186 -0.32 -15.19 -6.07
C GLY A 186 -0.10 -16.08 -4.86
N ILE A 187 0.69 -15.58 -3.91
CA ILE A 187 0.89 -16.20 -2.58
C ILE A 187 0.33 -15.23 -1.54
N CYS A 188 -0.54 -15.73 -0.66
CA CYS A 188 -1.24 -14.93 0.34
C CYS A 188 -1.55 -15.83 1.51
N GLY A 189 -2.16 -15.24 2.54
CA GLY A 189 -2.21 -15.89 3.84
C GLY A 189 -3.47 -16.63 4.22
N THR A 190 -4.52 -16.62 3.39
CA THR A 190 -5.76 -17.31 3.75
C THR A 190 -6.39 -17.94 2.52
N HIS A 191 -7.19 -18.99 2.73
CA HIS A 191 -7.90 -19.61 1.63
C HIS A 191 -8.94 -18.64 1.05
N GLU A 192 -9.56 -17.82 1.90
CA GLU A 192 -10.46 -16.80 1.42
C GLU A 192 -9.78 -15.88 0.38
N LYS A 193 -8.56 -15.45 0.67
CA LYS A 193 -7.82 -14.60 -0.26
C LYS A 193 -7.45 -15.36 -1.54
N CYS A 194 -7.13 -16.64 -1.43
CA CYS A 194 -6.84 -17.44 -2.64
C CYS A 194 -8.01 -17.43 -3.63
N ILE A 195 -9.21 -17.62 -3.10
CA ILE A 195 -10.45 -17.61 -3.88
C ILE A 195 -10.67 -16.23 -4.54
N LEU A 196 -10.52 -15.18 -3.76
CA LEU A 196 -10.60 -13.83 -4.33
C LEU A 196 -9.70 -13.71 -5.55
N LEU A 197 -8.45 -14.13 -5.41
CA LEU A 197 -7.50 -13.95 -6.49
C LEU A 197 -7.88 -14.66 -7.77
N THR A 198 -8.35 -15.90 -7.67
CA THR A 198 -8.61 -16.67 -8.86
C THR A 198 -10.05 -16.51 -9.36
N SER A 199 -10.99 -16.23 -8.46
CA SER A 199 -12.38 -16.08 -8.87
C SER A 199 -12.78 -14.63 -9.23
N GLU A 200 -12.04 -13.63 -8.77
CA GLU A 200 -12.38 -12.23 -9.02
C GLU A 200 -11.30 -11.45 -9.77
N LEU A 201 -10.04 -11.65 -9.39
CA LEU A 201 -8.92 -10.81 -9.87
C LEU A 201 -8.13 -11.43 -11.02
N GLY A 202 -8.51 -12.63 -11.45
CA GLY A 202 -7.99 -13.22 -12.68
C GLY A 202 -6.60 -13.86 -12.58
N PHE A 203 -6.13 -14.12 -11.36
CA PHE A 203 -4.88 -14.82 -11.18
C PHE A 203 -5.12 -16.23 -11.64
N ASP A 204 -4.10 -16.85 -12.22
CA ASP A 204 -4.22 -18.22 -12.73
C ASP A 204 -4.13 -19.23 -11.62
N ALA A 205 -3.50 -18.87 -10.52
CA ALA A 205 -3.47 -19.74 -9.35
C ALA A 205 -3.13 -18.92 -8.11
N ALA A 206 -3.49 -19.46 -6.96
CA ALA A 206 -3.18 -18.86 -5.68
C ALA A 206 -2.71 -19.93 -4.73
N ILE A 207 -1.79 -19.53 -3.85
CA ILE A 207 -1.17 -20.40 -2.88
C ILE A 207 -1.28 -19.76 -1.50
N ASN A 208 -1.75 -20.54 -0.54
CA ASN A 208 -1.82 -20.13 0.88
C ASN A 208 -0.54 -20.56 1.60
N TYR A 209 0.32 -19.58 1.90
CA TYR A 209 1.65 -19.89 2.48
C TYR A 209 1.58 -20.43 3.90
N LYS A 210 0.47 -20.24 4.59
CA LYS A 210 0.32 -20.74 5.98
C LYS A 210 -0.02 -22.24 6.03
N LYS A 211 -0.60 -22.74 4.93
CA LYS A 211 -1.21 -24.06 4.94
C LYS A 211 -0.83 -24.93 3.76
N ASP A 212 -0.45 -24.33 2.64
CA ASP A 212 -0.08 -25.11 1.46
C ASP A 212 1.42 -25.31 1.46
N ASN A 213 1.84 -26.27 0.64
CA ASN A 213 3.24 -26.52 0.37
C ASN A 213 3.63 -25.57 -0.73
N VAL A 214 4.32 -24.51 -0.34
CA VAL A 214 4.59 -23.43 -1.27
C VAL A 214 5.47 -23.86 -2.43
N ALA A 215 6.58 -24.56 -2.16
CA ALA A 215 7.50 -25.00 -3.23
C ALA A 215 6.80 -25.92 -4.23
N GLU A 216 6.13 -26.94 -3.70
CA GLU A 216 5.33 -27.88 -4.48
C GLU A 216 4.28 -27.18 -5.36
N GLN A 217 3.47 -26.30 -4.77
CA GLN A 217 2.44 -25.61 -5.54
C GLN A 217 3.02 -24.66 -6.59
N LEU A 218 4.18 -24.06 -6.30
CA LEU A 218 4.82 -23.22 -7.32
C LEU A 218 5.33 -24.03 -8.49
N ARG A 219 5.84 -25.24 -8.22
CA ARG A 219 6.25 -26.14 -9.30
C ARG A 219 5.05 -26.56 -10.13
N GLU A 220 3.90 -26.77 -9.50
CA GLU A 220 2.69 -27.20 -10.22
C GLU A 220 2.13 -26.04 -11.05
N SER A 221 2.10 -24.85 -10.47
CA SER A 221 1.43 -23.71 -11.10
C SER A 221 2.36 -22.83 -11.92
N CYS A 222 3.67 -23.07 -11.85
CA CYS A 222 4.67 -22.32 -12.65
C CYS A 222 5.58 -23.31 -13.33
N PRO A 223 5.03 -24.14 -14.24
CA PRO A 223 5.79 -25.19 -14.88
C PRO A 223 6.98 -24.70 -15.71
N ALA A 224 7.01 -23.42 -16.09
CA ALA A 224 8.13 -22.90 -16.87
C ALA A 224 9.01 -21.98 -16.02
N GLY A 225 8.89 -22.06 -14.70
CA GLY A 225 9.69 -21.21 -13.79
C GLY A 225 9.11 -19.80 -13.65
N VAL A 226 9.77 -18.97 -12.85
CA VAL A 226 9.28 -17.64 -12.57
C VAL A 226 10.19 -16.59 -13.22
N ASP A 227 9.58 -15.71 -14.01
CA ASP A 227 10.34 -14.67 -14.69
C ASP A 227 10.30 -13.34 -13.99
N VAL A 228 9.21 -13.09 -13.27
CA VAL A 228 9.02 -11.79 -12.58
C VAL A 228 8.43 -12.07 -11.20
N TYR A 229 9.08 -11.57 -10.17
CA TYR A 229 8.60 -11.69 -8.79
C TYR A 229 8.31 -10.30 -8.22
N PHE A 230 7.02 -10.04 -7.98
CA PHE A 230 6.57 -8.81 -7.32
C PHE A 230 6.53 -9.17 -5.85
N ASP A 231 7.53 -8.68 -5.13
CA ASP A 231 7.78 -9.10 -3.76
C ASP A 231 7.35 -8.05 -2.78
N ASN A 232 6.33 -8.39 -2.00
CA ASN A 232 5.83 -7.57 -0.91
C ASN A 232 6.27 -8.08 0.45
N VAL A 233 6.84 -9.28 0.53
CA VAL A 233 6.97 -9.95 1.83
C VAL A 233 8.39 -10.29 2.30
N GLY A 234 9.24 -10.73 1.39
CA GLY A 234 10.58 -11.17 1.77
C GLY A 234 10.59 -12.51 2.53
N GLY A 235 11.68 -12.75 3.25
CA GLY A 235 11.79 -13.94 4.12
C GLY A 235 11.70 -15.26 3.39
N ASN A 236 11.21 -16.29 4.12
CA ASN A 236 11.07 -17.65 3.65
C ASN A 236 10.30 -17.77 2.35
N ILE A 237 9.25 -16.97 2.21
CA ILE A 237 8.44 -17.02 0.99
C ILE A 237 9.30 -16.63 -0.21
N SER A 238 10.06 -15.53 -0.09
CA SER A 238 10.84 -15.04 -1.23
C SER A 238 11.98 -16.02 -1.57
N ASP A 239 12.58 -16.64 -0.55
CA ASP A 239 13.58 -17.71 -0.76
C ASP A 239 13.01 -18.85 -1.63
N THR A 240 11.79 -19.27 -1.31
CA THR A 240 11.14 -20.33 -2.08
C THR A 240 10.86 -19.89 -3.52
N VAL A 241 10.38 -18.67 -3.70
CA VAL A 241 10.10 -18.16 -5.04
C VAL A 241 11.39 -18.01 -5.86
N ILE A 242 12.40 -17.36 -5.26
CA ILE A 242 13.65 -17.10 -5.95
C ILE A 242 14.30 -18.41 -6.43
N SER A 243 14.15 -19.45 -5.65
CA SER A 243 14.68 -20.76 -5.96
C SER A 243 14.10 -21.32 -7.24
N GLN A 244 12.93 -20.82 -7.64
CA GLN A 244 12.28 -21.26 -8.87
C GLN A 244 12.29 -20.22 -9.98
N MET A 245 13.10 -19.17 -9.81
CA MET A 245 13.20 -18.11 -10.80
C MET A 245 14.17 -18.48 -11.92
N ASN A 246 13.87 -17.99 -13.10
CA ASN A 246 14.60 -18.32 -14.32
C ASN A 246 15.82 -17.41 -14.48
N GLU A 247 16.72 -17.81 -15.38
CA GLU A 247 17.88 -17.00 -15.75
C GLU A 247 17.43 -15.63 -16.23
N ASN A 248 18.17 -14.59 -15.83
CA ASN A 248 17.88 -13.21 -16.20
C ASN A 248 16.50 -12.72 -15.79
N SER A 249 15.95 -13.28 -14.72
CA SER A 249 14.63 -12.90 -14.22
C SER A 249 14.73 -11.68 -13.30
N HIS A 250 13.59 -11.16 -12.87
CA HIS A 250 13.53 -9.85 -12.17
C HIS A 250 12.63 -9.85 -10.95
N ILE A 251 13.17 -9.35 -9.85
CA ILE A 251 12.48 -9.20 -8.59
C ILE A 251 12.15 -7.73 -8.44
N ILE A 252 10.86 -7.42 -8.41
CA ILE A 252 10.42 -6.12 -8.09
C ILE A 252 10.33 -6.08 -6.57
N LEU A 253 11.30 -5.40 -5.95
CA LEU A 253 11.48 -5.44 -4.50
C LEU A 253 10.64 -4.34 -3.83
N CYS A 254 9.34 -4.57 -3.78
CA CYS A 254 8.39 -3.57 -3.32
C CYS A 254 8.48 -3.35 -1.81
N GLY A 255 8.32 -4.45 -1.07
CA GLY A 255 8.39 -4.44 0.39
C GLY A 255 8.88 -5.76 0.92
N GLN A 256 9.20 -5.80 2.20
CA GLN A 256 9.60 -7.03 2.88
C GLN A 256 8.85 -7.15 4.21
N ILE A 257 7.52 -7.26 4.12
CA ILE A 257 6.72 -7.12 5.31
C ILE A 257 6.98 -8.25 6.33
N SER A 258 7.45 -9.41 5.87
CA SER A 258 7.74 -10.50 6.82
C SER A 258 8.93 -10.20 7.74
N GLN A 259 9.71 -9.17 7.45
CA GLN A 259 10.89 -8.86 8.26
C GLN A 259 10.67 -7.70 9.24
N TYR A 260 9.43 -7.23 9.37
CA TYR A 260 9.08 -6.18 10.32
C TYR A 260 9.22 -6.66 11.76
N ASN A 261 9.14 -5.72 12.71
CA ASN A 261 9.23 -6.03 14.17
C ASN A 261 10.49 -6.78 14.56
N LYS A 262 11.40 -6.91 13.60
CA LYS A 262 12.76 -7.38 13.79
C LYS A 262 13.53 -6.15 13.37
N ASP A 263 14.78 -6.04 13.77
CA ASP A 263 15.56 -4.83 13.50
C ASP A 263 16.34 -5.05 12.19
N VAL A 264 15.62 -5.12 11.06
CA VAL A 264 16.20 -5.57 9.78
C VAL A 264 16.14 -4.48 8.69
N PRO A 265 17.31 -4.06 8.15
CA PRO A 265 17.34 -2.98 7.17
C PRO A 265 16.95 -3.47 5.76
N TYR A 266 16.60 -2.51 4.90
CA TYR A 266 16.25 -2.78 3.50
C TYR A 266 17.34 -2.19 2.60
N PRO A 267 17.71 -2.91 1.52
CA PRO A 267 17.22 -4.24 1.14
C PRO A 267 17.76 -5.30 2.08
N PRO A 268 16.89 -6.20 2.58
CA PRO A 268 17.46 -7.19 3.47
C PRO A 268 18.32 -8.19 2.69
N PRO A 269 19.38 -8.72 3.33
CA PRO A 269 20.29 -9.60 2.62
C PRO A 269 19.67 -10.97 2.40
N LEU A 270 19.76 -11.50 1.19
CA LEU A 270 19.38 -12.89 0.92
C LEU A 270 20.33 -13.80 1.70
N SER A 271 19.86 -14.96 2.14
CA SER A 271 20.74 -15.90 2.83
C SER A 271 21.83 -16.36 1.87
N PRO A 272 22.91 -16.96 2.41
CA PRO A 272 24.00 -17.37 1.54
C PRO A 272 23.57 -18.24 0.35
N ALA A 273 22.68 -19.20 0.59
CA ALA A 273 22.29 -20.14 -0.47
C ALA A 273 21.43 -19.46 -1.51
N ILE A 274 20.57 -18.55 -1.07
CA ILE A 274 19.64 -17.88 -1.97
C ILE A 274 20.33 -16.77 -2.75
N GLU A 275 21.26 -16.05 -2.12
CA GLU A 275 22.10 -15.13 -2.86
C GLU A 275 22.94 -15.88 -3.91
N ALA A 276 23.40 -17.08 -3.57
CA ALA A 276 24.17 -17.85 -4.54
C ALA A 276 23.33 -18.11 -5.81
N ILE A 277 22.10 -18.54 -5.64
CA ILE A 277 21.17 -18.77 -6.76
C ILE A 277 20.87 -17.50 -7.56
N GLN A 278 20.56 -16.43 -6.83
CA GLN A 278 20.32 -15.14 -7.46
C GLN A 278 21.48 -14.76 -8.37
N LYS A 279 22.69 -14.83 -7.84
CA LYS A 279 23.86 -14.46 -8.63
C LYS A 279 24.14 -15.46 -9.75
N GLU A 280 24.04 -16.77 -9.47
CA GLU A 280 24.23 -17.76 -10.52
C GLU A 280 23.30 -17.49 -11.71
N ARG A 281 22.04 -17.21 -11.41
CA ARG A 281 21.02 -17.04 -12.47
C ARG A 281 20.86 -15.61 -12.96
N ASN A 282 21.75 -14.71 -12.56
CA ASN A 282 21.65 -13.29 -12.94
C ASN A 282 20.26 -12.70 -12.74
N ILE A 283 19.73 -12.88 -11.52
CA ILE A 283 18.44 -12.35 -11.11
C ILE A 283 18.69 -10.97 -10.57
N THR A 284 17.92 -10.01 -11.07
CA THR A 284 18.08 -8.61 -10.65
C THR A 284 17.17 -8.35 -9.45
N ARG A 285 17.71 -7.66 -8.46
CA ARG A 285 17.00 -7.42 -7.23
C ARG A 285 17.43 -6.06 -6.71
N GLU A 286 16.89 -5.00 -7.33
CA GLU A 286 17.28 -3.63 -7.00
C GLU A 286 16.28 -2.99 -6.06
N ARG A 287 16.73 -1.98 -5.34
CA ARG A 287 15.85 -1.09 -4.58
C ARG A 287 14.75 -0.55 -5.52
N PHE A 288 13.55 -0.46 -5.00
CA PHE A 288 12.49 0.25 -5.69
C PHE A 288 11.74 1.15 -4.73
N LEU A 289 11.78 2.45 -4.98
CA LEU A 289 11.04 3.41 -4.17
CA LEU A 289 11.06 3.43 -4.17
C LEU A 289 10.17 4.28 -5.10
N VAL A 290 8.86 4.13 -4.96
CA VAL A 290 7.89 4.76 -5.87
C VAL A 290 8.12 6.27 -6.05
N LEU A 291 8.54 6.95 -4.97
CA LEU A 291 8.81 8.40 -5.02
C LEU A 291 9.88 8.78 -6.02
N ASN A 292 10.80 7.88 -6.35
CA ASN A 292 11.79 8.18 -7.37
C ASN A 292 11.24 8.26 -8.81
N TYR A 293 9.92 8.18 -8.99
CA TYR A 293 9.30 8.18 -10.32
C TYR A 293 8.09 9.10 -10.31
N LYS A 294 8.23 10.21 -9.60
CA LYS A 294 7.18 11.24 -9.53
C LYS A 294 6.70 11.68 -10.90
N ASP A 295 7.60 11.72 -11.87
CA ASP A 295 7.22 12.12 -13.22
C ASP A 295 6.27 11.11 -13.88
N LYS A 296 6.09 9.93 -13.28
CA LYS A 296 5.17 8.96 -13.85
C LYS A 296 3.85 8.86 -13.10
N PHE A 297 3.65 9.69 -12.08
CA PHE A 297 2.41 9.65 -11.30
C PHE A 297 1.22 10.03 -12.19
N GLU A 298 1.38 11.04 -13.03
CA GLU A 298 0.29 11.47 -13.94
C GLU A 298 -0.14 10.33 -14.89
N PRO A 299 0.78 9.83 -15.72
CA PRO A 299 0.33 8.74 -16.61
C PRO A 299 -0.13 7.48 -15.88
N GLY A 300 0.52 7.17 -14.77
CA GLY A 300 0.14 6.06 -13.90
C GLY A 300 -1.29 6.18 -13.40
N ILE A 301 -1.63 7.30 -12.77
CA ILE A 301 -3.01 7.52 -12.31
C ILE A 301 -3.98 7.48 -13.47
N LEU A 302 -3.64 8.13 -14.58
CA LEU A 302 -4.53 8.13 -15.75
C LEU A 302 -4.78 6.68 -16.26
N GLN A 303 -3.75 5.82 -16.24
CA GLN A 303 -3.86 4.43 -16.69
C GLN A 303 -4.65 3.55 -15.72
N LEU A 304 -4.33 3.67 -14.43
CA LEU A 304 -5.09 2.98 -13.40
C LEU A 304 -6.57 3.32 -13.49
N SER A 305 -6.86 4.62 -13.57
CA SER A 305 -8.24 5.07 -13.72
C SER A 305 -8.91 4.45 -14.97
N GLN A 306 -8.25 4.52 -16.12
CA GLN A 306 -8.79 3.97 -17.37
C GLN A 306 -9.12 2.49 -17.24
N TRP A 307 -8.17 1.71 -16.74
CA TRP A 307 -8.38 0.25 -16.53
C TRP A 307 -9.54 -0.02 -15.58
N PHE A 308 -9.65 0.78 -14.52
CA PHE A 308 -10.79 0.64 -13.62
C PHE A 308 -12.09 0.95 -14.33
N LYS A 309 -12.13 2.04 -15.09
CA LYS A 309 -13.37 2.50 -15.73
C LYS A 309 -13.77 1.55 -16.83
N GLU A 310 -12.79 0.93 -17.46
CA GLU A 310 -13.02 -0.14 -18.45
C GLU A 310 -13.55 -1.45 -17.88
N GLY A 311 -13.62 -1.60 -16.56
CA GLY A 311 -13.99 -2.89 -15.96
C GLY A 311 -12.86 -3.93 -15.93
N LYS A 312 -11.64 -3.53 -16.31
CA LYS A 312 -10.51 -4.46 -16.31
C LYS A 312 -9.88 -4.58 -14.94
N LEU A 313 -9.55 -3.44 -14.32
CA LEU A 313 -8.91 -3.44 -13.00
C LEU A 313 -9.98 -3.54 -11.91
N LYS A 314 -9.92 -4.61 -11.14
CA LYS A 314 -10.84 -4.84 -10.05
C LYS A 314 -10.22 -4.31 -8.77
N ILE A 315 -10.96 -3.43 -8.09
CA ILE A 315 -10.40 -2.75 -6.95
C ILE A 315 -11.05 -3.29 -5.68
N LYS A 316 -10.24 -3.88 -4.82
CA LYS A 316 -10.73 -4.40 -3.54
C LYS A 316 -10.26 -3.53 -2.39
N GLU A 317 -11.13 -3.38 -1.40
CA GLU A 317 -10.77 -2.70 -0.17
C GLU A 317 -11.54 -3.29 1.00
N THR A 318 -11.01 -3.08 2.19
CA THR A 318 -11.64 -3.42 3.44
C THR A 318 -11.74 -2.11 4.22
N VAL A 319 -12.99 -1.68 4.45
CA VAL A 319 -13.29 -0.42 5.11
C VAL A 319 -13.80 -0.69 6.52
N ILE A 320 -13.19 -0.03 7.49
CA ILE A 320 -13.66 0.01 8.88
C ILE A 320 -14.14 1.43 9.16
N ASN A 321 -15.24 1.59 9.88
CA ASN A 321 -15.76 2.94 10.20
C ASN A 321 -15.28 3.46 11.55
N GLY A 322 -14.94 4.76 11.58
CA GLY A 322 -14.67 5.50 12.81
C GLY A 322 -13.20 5.70 13.09
N LEU A 323 -12.82 6.97 13.33
CA LEU A 323 -11.48 7.35 13.74
C LEU A 323 -11.02 6.53 14.96
N GLU A 324 -11.96 6.16 15.82
CA GLU A 324 -11.62 5.39 17.01
C GLU A 324 -11.03 4.02 16.68
N ASN A 325 -11.14 3.60 15.41
CA ASN A 325 -10.64 2.33 14.95
C ASN A 325 -9.38 2.40 14.13
N MET A 326 -8.68 3.54 14.12
CA MET A 326 -7.41 3.64 13.37
C MET A 326 -6.38 2.61 13.86
N GLY A 327 -6.15 2.58 15.16
CA GLY A 327 -5.23 1.62 15.76
C GLY A 327 -5.60 0.17 15.49
N ALA A 328 -6.87 -0.15 15.65
CA ALA A 328 -7.38 -1.49 15.34
C ALA A 328 -7.18 -1.87 13.86
N ALA A 329 -7.43 -0.89 12.99
CA ALA A 329 -7.31 -1.12 11.54
C ALA A 329 -5.87 -1.38 11.14
N PHE A 330 -4.96 -0.62 11.74
CA PHE A 330 -3.55 -0.81 11.46
C PHE A 330 -3.07 -2.18 11.93
N GLN A 331 -3.40 -2.53 13.16
CA GLN A 331 -3.08 -3.84 13.72
C GLN A 331 -3.67 -4.97 12.85
N SER A 332 -4.94 -4.80 12.48
CA SER A 332 -5.66 -5.81 11.67
C SER A 332 -4.95 -6.01 10.33
N MET A 333 -4.58 -4.90 9.69
CA MET A 333 -3.92 -4.97 8.39
CA MET A 333 -3.91 -4.96 8.40
C MET A 333 -2.57 -5.70 8.51
N MET A 334 -1.78 -5.32 9.51
CA MET A 334 -0.47 -5.91 9.73
C MET A 334 -0.56 -7.43 9.94
N THR A 335 -1.69 -7.93 10.46
CA THR A 335 -1.86 -9.34 10.71
C THR A 335 -2.76 -10.02 9.66
N GLY A 336 -3.04 -9.36 8.54
CA GLY A 336 -3.72 -9.96 7.42
C GLY A 336 -5.25 -9.91 7.37
N GLY A 337 -5.86 -9.10 8.21
CA GLY A 337 -7.31 -8.94 8.20
C GLY A 337 -7.87 -8.24 6.96
N ASN A 338 -7.03 -7.49 6.24
CA ASN A 338 -7.48 -6.78 5.04
C ASN A 338 -7.44 -7.63 3.78
N ILE A 339 -8.48 -7.49 2.98
CA ILE A 339 -8.49 -7.88 1.59
C ILE A 339 -8.40 -6.60 0.79
N GLY A 340 -7.41 -6.51 -0.09
CA GLY A 340 -7.12 -5.29 -0.80
C GLY A 340 -6.69 -4.21 0.16
N LYS A 341 -7.06 -2.97 -0.17
CA LYS A 341 -6.59 -1.81 0.58
C LYS A 341 -7.34 -1.63 1.90
N GLN A 342 -6.61 -1.55 3.02
CA GLN A 342 -7.26 -1.20 4.30
C GLN A 342 -7.58 0.30 4.35
N ILE A 343 -8.84 0.62 4.63
CA ILE A 343 -9.35 1.99 4.63
C ILE A 343 -10.10 2.18 5.94
N VAL A 344 -9.99 3.39 6.51
CA VAL A 344 -10.87 3.78 7.59
C VAL A 344 -11.72 4.97 7.14
N CYS A 345 -13.03 4.82 7.26
CA CYS A 345 -13.96 5.86 6.86
C CYS A 345 -14.28 6.70 8.09
N ILE A 346 -13.98 7.99 8.01
CA ILE A 346 -14.07 8.90 9.16
C ILE A 346 -15.41 9.62 9.17
N SER A 347 -15.95 9.83 7.97
CA SER A 347 -17.30 10.37 7.81
C SER A 347 -17.91 9.81 6.53
N GLU A 348 -19.05 9.13 6.68
CA GLU A 348 -19.73 8.45 5.57
C GLU A 348 -20.78 9.39 4.99
N GLU A 349 -20.41 10.05 3.89
CA GLU A 349 -21.25 11.08 3.30
C GLU A 349 -21.52 10.78 1.83
PA NAP B . -1.06 -4.84 2.21
O1A NAP B . -2.41 -4.31 1.80
O2A NAP B . -0.44 -5.93 1.45
O5B NAP B . -1.24 -5.33 3.71
C5B NAP B . -0.15 -6.02 4.31
C4B NAP B . -0.40 -7.55 4.19
O4B NAP B . 0.89 -8.20 4.45
C3B NAP B . -1.33 -8.19 5.18
O3B NAP B . -2.69 -8.12 4.71
C2B NAP B . -0.87 -9.68 5.15
O2B NAP B . -1.62 -10.48 4.22
C1B NAP B . 0.58 -9.59 4.68
N9A NAP B . 1.53 -10.04 5.72
C8A NAP B . 1.66 -9.52 6.96
N7A NAP B . 2.62 -10.14 7.62
C5A NAP B . 3.13 -11.08 6.81
C6A NAP B . 4.10 -12.07 6.98
N6A NAP B . 4.85 -12.17 8.10
N1A NAP B . 4.35 -12.88 5.92
C2A NAP B . 3.66 -12.76 4.77
N3A NAP B . 2.69 -11.86 4.59
C4A NAP B . 2.41 -11.01 5.60
O3 NAP B . -0.04 -3.66 2.34
PN NAP B . 0.49 -2.83 1.07
O1N NAP B . 0.15 -3.49 -0.19
O2N NAP B . 0.14 -1.38 1.34
O5D NAP B . 2.08 -2.91 1.32
C5D NAP B . 2.80 -4.04 0.86
C4D NAP B . 4.31 -3.88 1.06
O4D NAP B . 4.75 -2.94 0.05
C3D NAP B . 4.77 -3.34 2.41
O3D NAP B . 6.09 -3.85 2.72
C2D NAP B . 4.81 -1.84 2.12
O2D NAP B . 5.63 -1.13 3.05
C1D NAP B . 5.43 -1.85 0.75
N1N NAP B . 5.31 -0.67 -0.13
C2N NAP B . 6.42 -0.29 -0.85
C3N NAP B . 6.31 0.83 -1.67
C7N NAP B . 7.50 1.25 -2.43
O7N NAP B . 7.53 2.48 -3.00
N7N NAP B . 8.48 0.36 -2.53
C4N NAP B . 5.13 1.56 -1.74
C5N NAP B . 4.03 1.18 -1.02
C6N NAP B . 4.11 0.05 -0.23
P2B NAP B . -1.57 -12.17 4.38
O1X NAP B . -2.99 -12.57 4.83
O2X NAP B . -1.38 -12.57 2.87
O3X NAP B . -0.42 -12.53 5.25
C1 CBW C . 4.98 5.94 2.21
C2 CBW C . 4.27 7.34 2.11
C3 CBW C . 5.25 8.51 2.38
C4 CBW C . 6.41 8.51 1.41
C5 CBW C . 7.10 7.09 1.49
C6 CBW C . 8.38 6.92 0.68
C7 CBW C . 9.22 5.77 1.26
C8 CBW C . 8.46 4.43 1.24
C9 CBW C . 7.03 4.59 1.81
C10 CBW C . 6.19 5.82 1.30
C11 CBW C . 6.28 3.23 1.76
C12 CBW C . 7.01 2.05 1.98
C13 CBW C . 8.40 2.05 2.14
C14 CBW C . 9.20 3.39 2.15
C15 CBW C . 10.63 3.18 1.61
C16 CBW C . 11.27 1.86 2.12
C17 CBW C . 10.47 0.61 1.71
C18 CBW C . 9.10 0.67 2.37
C19 CBW C . 5.66 5.63 -0.14
C20 CBW C . 9.03 0.29 3.90
C21 CBW C . 9.84 -0.95 4.34
C22 CBW C . 11.23 -0.79 3.74
C23 CBW C . 11.19 -0.67 2.20
C24 CBW C . 5.93 8.86 -0.01
C25 CBW C . 7.40 9.61 1.89
C26 CBW C . 8.35 3.98 -0.24
C27 CBW C . 9.26 3.80 3.63
C28 CBW C . 10.33 0.56 0.19
C33 CBW C . 9.17 -2.23 3.83
C34 CBW C . 9.87 -1.07 5.90
O3 CBW C . 4.52 9.77 2.39
O11 CBW C . 5.06 3.17 1.57
O34 CBW C . 7.92 -2.22 3.84
O35 CBW C . 9.90 -3.21 3.52
C1 CBW D . -4.51 11.81 -6.91
C2 CBW D . -4.54 11.14 -5.54
C3 CBW D . -3.37 10.17 -5.39
C4 CBW D . -2.00 10.85 -5.61
C5 CBW D . -2.03 11.68 -6.92
C6 CBW D . -0.71 12.39 -7.23
C7 CBW D . -0.73 12.79 -8.70
C8 CBW D . -1.85 13.79 -9.02
C9 CBW D . -3.22 13.19 -8.57
C10 CBW D . -3.24 12.64 -7.11
C11 CBW D . -4.34 14.22 -8.89
C12 CBW D . -4.22 15.08 -9.98
C13 CBW D . -3.07 15.09 -10.78
C14 CBW D . -1.93 14.05 -10.53
C15 CBW D . -0.58 14.59 -11.04
C16 CBW D . -0.74 15.27 -12.40
C17 CBW D . -1.60 16.51 -12.29
C18 CBW D . -3.04 16.05 -11.98
C19 CBW D . -3.22 13.81 -6.12
C20 CBW D . -3.71 15.31 -13.14
C21 CBW D . -3.70 16.11 -14.46
C22 CBW D . -2.24 16.50 -14.78
C23 CBW D . -1.56 17.26 -13.62
C24 CBW D . -1.63 11.70 -4.38
C25 CBW D . -0.96 9.74 -5.81
C26 CBW D . -1.58 15.12 -8.30
C27 CBW D . -2.30 12.80 -11.34
C28 CBW D . -1.08 17.42 -11.17
C33 CBW D . -4.60 17.37 -14.34
C34 CBW D . -4.29 15.24 -15.56
O3 CBW D . -3.48 9.62 -4.08
O11 CBW D . -5.37 14.30 -8.20
O34 CBW D . -5.74 17.21 -13.86
O35 CBW D . -4.17 18.46 -14.80
S SO4 E . 7.04 -24.41 1.95
O1 SO4 E . 7.35 -25.53 2.83
O2 SO4 E . 5.59 -24.18 2.00
O3 SO4 E . 7.69 -23.21 2.46
O4 SO4 E . 7.49 -24.71 0.57
S SO4 F . -9.04 -19.30 5.62
O1 SO4 F . -7.68 -19.63 5.17
O2 SO4 F . -9.77 -20.54 5.78
O3 SO4 F . -8.93 -18.60 6.90
O4 SO4 F . -9.78 -18.44 4.68
S SO4 G . 20.18 -0.67 -6.59
O1 SO4 G . 20.96 -1.83 -7.03
O2 SO4 G . 19.30 -1.12 -5.52
O3 SO4 G . 21.07 0.36 -6.05
O4 SO4 G . 19.44 -0.12 -7.74
S SO4 H . 10.80 -28.62 -1.46
O1 SO4 H . 11.75 -29.70 -1.20
O2 SO4 H . 9.48 -29.20 -1.73
O3 SO4 H . 10.74 -27.75 -0.28
O4 SO4 H . 11.27 -27.85 -2.62
#